data_3VOU
#
_entry.id   3VOU
#
_cell.length_a   104.227
_cell.length_b   104.227
_cell.length_c   104.444
_cell.angle_alpha   90.00
_cell.angle_beta   90.00
_cell.angle_gamma   120.00
#
_symmetry.space_group_name_H-M   'P 31 2 1'
#
loop_
_entity.id
_entity.type
_entity.pdbx_description
1 polymer 'Ion transport 2 domain protein, Voltage-gated sodium channel'
2 non-polymer 'SODIUM ION'
3 non-polymer 'COBALT (II) ION'
#
_entity_poly.entity_id   1
_entity_poly.type   'polypeptide(L)'
_entity_poly.pdbx_seq_one_letter_code
;MGSMLSFILTLKRMLKACLRAWKDKEFQVLFVLTFLTLTSGTIFYSTVEGLRPLDALYFSVVTLTTVGDGNFSPQTDFGK
VFTILYIFIGIGLVFGFIHKLAVNVQLPSILSNRKKETDAYRLEVMEKLEAIEKKLAEHSRQGSLVPR
;
_entity_poly.pdbx_strand_id   A,B
#
# COMPACT_ATOMS: atom_id res chain seq x y z
N MET A 4 -11.62 -21.67 -6.62
CA MET A 4 -11.15 -21.60 -5.21
C MET A 4 -9.65 -21.71 -5.05
N LEU A 5 -8.98 -22.27 -6.06
CA LEU A 5 -7.51 -22.42 -6.11
C LEU A 5 -6.75 -21.21 -5.54
N SER A 6 -7.28 -20.03 -5.83
CA SER A 6 -6.62 -18.77 -5.47
C SER A 6 -7.12 -18.17 -4.16
N PHE A 7 -8.45 -18.05 -4.03
CA PHE A 7 -9.05 -17.41 -2.85
C PHE A 7 -8.58 -18.01 -1.52
N ILE A 8 -8.34 -19.33 -1.52
CA ILE A 8 -7.80 -20.01 -0.34
C ILE A 8 -6.41 -19.48 0.03
N LEU A 9 -5.49 -19.52 -0.94
CA LEU A 9 -4.05 -19.29 -0.69
C LEU A 9 -3.66 -17.82 -0.51
N THR A 10 -3.92 -17.01 -1.53
CA THR A 10 -3.48 -15.61 -1.57
C THR A 10 -3.62 -14.89 -0.22
N LEU A 11 -4.75 -15.08 0.44
CA LEU A 11 -5.01 -14.56 1.79
C LEU A 11 -3.78 -14.65 2.68
N LYS A 12 -3.21 -15.85 2.77
CA LYS A 12 -1.99 -16.08 3.52
C LYS A 12 -0.94 -15.06 3.09
N ARG A 13 -0.60 -15.08 1.80
CA ARG A 13 0.39 -14.16 1.22
C ARG A 13 0.02 -12.70 1.47
N MET A 14 -1.28 -12.40 1.36
CA MET A 14 -1.78 -11.06 1.62
C MET A 14 -1.61 -10.64 3.07
N LEU A 15 -2.03 -11.52 3.99
CA LEU A 15 -1.90 -11.23 5.42
C LEU A 15 -0.44 -11.24 5.85
N LYS A 16 0.37 -12.10 5.23
CA LYS A 16 1.81 -12.10 5.44
C LYS A 16 2.46 -10.81 4.90
N ALA A 17 1.93 -10.30 3.80
CA ALA A 17 2.49 -9.12 3.14
C ALA A 17 2.40 -7.88 4.03
N CYS A 18 1.27 -7.74 4.73
CA CYS A 18 1.10 -6.63 5.65
C CYS A 18 1.65 -7.00 7.03
N LEU A 19 1.79 -8.30 7.29
CA LEU A 19 2.46 -8.77 8.50
C LEU A 19 3.93 -8.39 8.44
N ARG A 20 4.51 -8.52 7.24
CA ARG A 20 5.87 -8.05 6.99
C ARG A 20 5.99 -6.54 7.21
N ALA A 21 4.92 -5.82 6.90
CA ALA A 21 4.89 -4.36 7.01
C ALA A 21 4.84 -3.87 8.46
N TRP A 22 4.34 -4.70 9.38
CA TRP A 22 4.40 -4.36 10.80
C TRP A 22 5.85 -4.36 11.25
N LYS A 23 6.62 -5.33 10.76
CA LYS A 23 8.05 -5.43 11.04
C LYS A 23 8.82 -4.20 10.57
N ASP A 24 8.25 -3.46 9.61
CA ASP A 24 8.81 -2.17 9.24
C ASP A 24 8.64 -1.24 10.43
N LYS A 25 9.70 -0.52 10.74
CA LYS A 25 9.72 0.35 11.90
C LYS A 25 8.91 1.63 11.68
N GLU A 26 9.16 2.31 10.56
CA GLU A 26 8.43 3.54 10.21
C GLU A 26 6.90 3.41 10.33
N PHE A 27 6.36 2.26 9.92
CA PHE A 27 4.95 1.97 10.09
C PHE A 27 4.53 1.96 11.56
N GLN A 28 5.35 1.31 12.40
CA GLN A 28 5.05 1.20 13.82
C GLN A 28 4.93 2.55 14.49
N VAL A 29 5.82 3.47 14.13
CA VAL A 29 5.77 4.83 14.67
C VAL A 29 4.45 5.50 14.29
N LEU A 30 4.09 5.41 13.01
CA LEU A 30 2.81 5.94 12.54
C LEU A 30 1.65 5.27 13.27
N PHE A 31 1.72 3.97 13.44
CA PHE A 31 0.70 3.24 14.18
C PHE A 31 0.65 3.62 15.66
N VAL A 32 1.78 4.06 16.21
CA VAL A 32 1.83 4.46 17.61
C VAL A 32 1.30 5.88 17.74
N LEU A 33 1.92 6.83 17.04
CA LEU A 33 1.43 8.21 17.00
C LEU A 33 -0.10 8.23 16.83
N THR A 34 -0.60 7.24 16.10
CA THR A 34 -2.04 6.99 16.00
C THR A 34 -2.63 6.68 17.37
N PHE A 35 -2.31 5.51 17.91
CA PHE A 35 -2.82 5.08 19.23
C PHE A 35 -2.68 6.17 20.30
N LEU A 36 -1.54 6.87 20.30
CA LEU A 36 -1.33 7.97 21.22
C LEU A 36 -2.36 9.06 21.00
N THR A 37 -2.26 9.77 19.86
CA THR A 37 -3.20 10.83 19.47
C THR A 37 -4.66 10.45 19.76
N LEU A 38 -4.98 9.18 19.54
CA LEU A 38 -6.34 8.68 19.76
C LEU A 38 -6.72 8.65 21.25
N THR A 39 -5.97 7.89 22.07
CA THR A 39 -6.26 7.85 23.53
C THR A 39 -5.94 9.17 24.23
N SER A 40 -4.99 9.93 23.68
CA SER A 40 -4.72 11.29 24.10
C SER A 40 -5.90 12.22 23.83
N GLY A 41 -6.69 11.89 22.84
CA GLY A 41 -7.92 12.63 22.53
C GLY A 41 -9.04 12.28 23.48
N THR A 42 -9.20 10.98 23.74
CA THR A 42 -10.18 10.47 24.72
C THR A 42 -9.97 11.10 26.10
N ILE A 43 -8.72 11.39 26.42
CA ILE A 43 -8.38 12.12 27.64
C ILE A 43 -8.97 13.53 27.57
N PHE A 44 -8.65 14.28 26.51
CA PHE A 44 -9.15 15.65 26.36
C PHE A 44 -10.69 15.78 26.29
N TYR A 45 -11.34 14.91 25.53
CA TYR A 45 -12.79 15.01 25.36
C TYR A 45 -13.58 14.46 26.55
N SER A 46 -12.94 13.58 27.33
CA SER A 46 -13.56 13.07 28.54
C SER A 46 -13.47 14.07 29.69
N THR A 47 -12.63 15.10 29.54
CA THR A 47 -12.46 16.11 30.58
C THR A 47 -12.88 17.50 30.12
N VAL A 48 -12.00 18.17 29.38
CA VAL A 48 -12.23 19.55 28.91
C VAL A 48 -13.58 19.73 28.19
N GLU A 49 -13.98 18.74 27.41
CA GLU A 49 -15.31 18.70 26.83
C GLU A 49 -16.21 17.79 27.67
N GLY A 50 -15.59 16.98 28.53
CA GLY A 50 -16.30 16.20 29.54
C GLY A 50 -17.33 15.24 28.97
N LEU A 51 -16.86 14.08 28.55
CA LEU A 51 -17.75 13.04 28.06
C LEU A 51 -17.40 11.70 28.68
N ARG A 52 -18.37 10.78 28.66
CA ARG A 52 -18.17 9.41 29.11
C ARG A 52 -16.92 8.84 28.43
N PRO A 53 -15.99 8.25 29.22
CA PRO A 53 -14.73 7.71 28.65
C PRO A 53 -14.92 7.13 27.24
N LEU A 54 -15.70 6.06 27.14
CA LEU A 54 -15.97 5.36 25.87
C LEU A 54 -16.49 6.29 24.77
N ASP A 55 -17.37 7.22 25.14
CA ASP A 55 -17.91 8.19 24.21
C ASP A 55 -16.85 9.13 23.65
N ALA A 56 -15.91 9.53 24.51
CA ALA A 56 -14.81 10.41 24.09
C ALA A 56 -13.88 9.70 23.10
N LEU A 57 -13.77 8.38 23.23
CA LEU A 57 -12.97 7.58 22.29
C LEU A 57 -13.66 7.60 20.93
N TYR A 58 -14.96 7.26 20.94
CA TYR A 58 -15.81 7.31 19.76
C TYR A 58 -15.63 8.61 18.99
N PHE A 59 -15.83 9.74 19.65
CA PHE A 59 -15.69 11.02 18.96
C PHE A 59 -14.30 11.19 18.38
N SER A 60 -13.29 10.69 19.08
CA SER A 60 -11.91 10.85 18.65
C SER A 60 -11.63 10.09 17.36
N VAL A 61 -12.07 8.83 17.33
CA VAL A 61 -11.92 7.95 16.17
C VAL A 61 -12.59 8.62 14.98
N VAL A 62 -13.92 8.61 15.02
CA VAL A 62 -14.78 9.29 14.06
C VAL A 62 -14.18 10.58 13.47
N THR A 63 -13.64 11.44 14.33
CA THR A 63 -13.09 12.73 13.89
C THR A 63 -11.81 12.58 13.08
N LEU A 64 -10.88 11.75 13.57
CA LEU A 64 -9.60 11.50 12.88
C LEU A 64 -9.84 10.91 11.50
N THR A 65 -10.65 9.86 11.47
CA THR A 65 -11.00 9.15 10.26
C THR A 65 -12.00 9.94 9.42
N THR A 66 -12.28 11.17 9.86
CA THR A 66 -13.18 12.11 9.18
C THR A 66 -14.58 11.56 8.86
N VAL A 67 -14.88 10.42 9.47
CA VAL A 67 -16.22 9.86 9.42
C VAL A 67 -17.21 10.95 9.82
N GLY A 68 -17.11 11.38 11.08
CA GLY A 68 -17.92 12.46 11.65
C GLY A 68 -19.01 11.96 12.56
N ASP A 69 -19.66 12.88 13.28
CA ASP A 69 -20.86 12.55 14.03
C ASP A 69 -21.93 13.62 13.88
N GLY A 70 -23.14 13.21 13.52
CA GLY A 70 -24.25 14.12 13.23
C GLY A 70 -24.95 14.72 14.43
N ASN A 71 -24.36 14.52 15.61
CA ASN A 71 -24.94 14.96 16.87
C ASN A 71 -23.98 15.86 17.61
N PHE A 72 -23.00 15.25 18.29
CA PHE A 72 -22.12 16.01 19.15
C PHE A 72 -21.05 16.77 18.38
N SER A 73 -20.81 18.01 18.80
CA SER A 73 -19.67 18.77 18.36
C SER A 73 -19.11 19.53 19.56
N PRO A 74 -17.89 20.07 19.47
CA PRO A 74 -17.37 20.82 20.61
C PRO A 74 -18.21 22.04 20.97
N GLN A 75 -18.21 22.37 22.27
CA GLN A 75 -18.94 23.52 22.81
C GLN A 75 -17.94 24.60 23.20
N THR A 76 -16.99 24.23 24.07
CA THR A 76 -15.93 25.14 24.53
C THR A 76 -15.00 25.55 23.39
N ASP A 77 -14.41 26.73 23.52
CA ASP A 77 -13.48 27.23 22.51
C ASP A 77 -12.16 26.52 22.57
N PHE A 78 -11.83 26.00 23.75
CA PHE A 78 -10.67 25.12 23.91
C PHE A 78 -10.95 23.79 23.19
N GLY A 79 -12.19 23.32 23.27
CA GLY A 79 -12.61 22.08 22.60
C GLY A 79 -12.70 22.20 21.08
N LYS A 80 -12.70 23.43 20.58
CA LYS A 80 -12.76 23.67 19.15
C LYS A 80 -11.36 23.87 18.58
N VAL A 81 -10.57 24.70 19.26
CA VAL A 81 -9.16 24.89 18.89
C VAL A 81 -8.41 23.55 18.93
N PHE A 82 -8.64 22.76 19.97
CA PHE A 82 -8.05 21.43 20.07
C PHE A 82 -8.39 20.59 18.86
N THR A 83 -9.68 20.50 18.55
CA THR A 83 -10.17 19.73 17.41
C THR A 83 -9.54 20.19 16.08
N ILE A 84 -9.49 21.50 15.86
CA ILE A 84 -8.83 22.04 14.70
C ILE A 84 -7.40 21.51 14.57
N LEU A 85 -6.70 21.44 15.70
CA LEU A 85 -5.33 20.89 15.71
C LEU A 85 -5.32 19.38 15.63
N TYR A 86 -6.35 18.77 16.19
CA TYR A 86 -6.49 17.32 16.22
C TYR A 86 -6.71 16.73 14.81
N ILE A 87 -7.41 17.46 13.95
CA ILE A 87 -7.64 16.98 12.57
C ILE A 87 -6.37 17.13 11.73
N PHE A 88 -5.68 18.25 11.91
CA PHE A 88 -4.37 18.44 11.28
C PHE A 88 -3.44 17.26 11.57
N ILE A 89 -3.40 16.78 12.81
CA ILE A 89 -2.61 15.59 13.14
C ILE A 89 -3.04 14.39 12.30
N GLY A 90 -4.35 14.18 12.19
CA GLY A 90 -4.90 13.14 11.33
C GLY A 90 -4.46 13.31 9.89
N ILE A 91 -4.57 14.53 9.37
CA ILE A 91 -4.05 14.85 8.06
C ILE A 91 -2.59 14.43 7.99
N GLY A 92 -1.77 14.98 8.88
CA GLY A 92 -0.35 14.64 8.99
C GLY A 92 -0.12 13.14 9.00
N LEU A 93 -0.74 12.44 9.93
CA LEU A 93 -0.62 11.00 9.99
C LEU A 93 -0.91 10.35 8.65
N VAL A 94 -2.15 10.49 8.15
CA VAL A 94 -2.57 9.87 6.89
C VAL A 94 -1.64 10.23 5.70
N PHE A 95 -1.22 11.49 5.60
CA PHE A 95 -0.20 11.84 4.64
C PHE A 95 0.96 10.87 4.72
N GLY A 96 1.49 10.68 5.92
CA GLY A 96 2.64 9.79 6.16
C GLY A 96 2.34 8.35 5.80
N PHE A 97 1.19 7.87 6.27
CA PHE A 97 0.72 6.55 5.90
C PHE A 97 0.67 6.39 4.39
N ILE A 98 0.12 7.39 3.69
CA ILE A 98 -0.03 7.33 2.23
C ILE A 98 1.34 7.23 1.61
N HIS A 99 2.22 8.16 1.98
CA HIS A 99 3.60 8.13 1.52
C HIS A 99 4.22 6.74 1.67
N LYS A 100 4.08 6.15 2.86
CA LYS A 100 4.63 4.83 3.10
C LYS A 100 3.99 3.75 2.22
N LEU A 101 2.69 3.91 1.94
CA LEU A 101 1.94 2.90 1.23
C LEU A 101 1.96 3.08 -0.29
N ALA A 102 2.08 4.33 -0.74
CA ALA A 102 2.01 4.62 -2.17
C ALA A 102 3.29 4.30 -2.90
N VAL A 103 4.42 4.22 -2.19
CA VAL A 103 5.68 3.88 -2.85
C VAL A 103 5.86 2.36 -2.94
N ASN A 104 5.70 1.83 -4.15
CA ASN A 104 5.85 0.39 -4.39
C ASN A 104 7.34 -0.01 -4.53
N VAL A 105 8.05 0.17 -3.43
CA VAL A 105 9.50 -0.01 -3.38
C VAL A 105 9.92 -1.41 -2.94
N GLN A 106 9.79 -2.37 -3.86
CA GLN A 106 10.56 -3.61 -3.82
C GLN A 106 11.72 -3.46 -4.84
N LEU A 107 11.89 -2.21 -5.29
CA LEU A 107 12.85 -1.80 -6.33
C LEU A 107 14.28 -1.51 -5.86
N PRO A 108 14.48 -1.23 -4.55
CA PRO A 108 15.88 -1.17 -4.09
C PRO A 108 16.62 -2.49 -4.31
N SER A 109 16.01 -3.58 -3.84
CA SER A 109 16.60 -4.92 -3.93
C SER A 109 16.73 -5.43 -5.37
N ILE A 110 15.88 -4.94 -6.26
CA ILE A 110 15.99 -5.29 -7.68
C ILE A 110 17.14 -4.54 -8.34
N LEU A 111 17.14 -3.21 -8.21
CA LEU A 111 18.13 -2.36 -8.88
C LEU A 111 19.56 -2.55 -8.39
N SER A 112 19.72 -3.01 -7.15
CA SER A 112 21.05 -3.39 -6.66
C SER A 112 21.37 -4.87 -6.87
N ASN A 113 20.33 -5.70 -7.03
CA ASN A 113 20.53 -7.08 -7.46
C ASN A 113 20.84 -7.17 -8.94
N ARG A 114 20.46 -6.13 -9.69
CA ARG A 114 20.94 -5.95 -11.04
C ARG A 114 22.41 -5.60 -10.93
N LYS A 115 22.73 -4.54 -10.20
CA LYS A 115 24.11 -4.05 -10.06
C LYS A 115 25.08 -5.12 -9.57
N LYS A 116 24.59 -6.06 -8.79
CA LYS A 116 25.42 -7.18 -8.34
C LYS A 116 25.96 -7.93 -9.55
N GLU A 117 25.04 -8.37 -10.41
CA GLU A 117 25.40 -9.12 -11.63
C GLU A 117 26.03 -8.23 -12.69
N THR A 118 25.66 -6.96 -12.70
CA THR A 118 26.20 -6.00 -13.66
C THR A 118 27.68 -5.73 -13.41
N ASP A 119 28.02 -5.38 -12.17
CA ASP A 119 29.40 -5.04 -11.78
C ASP A 119 30.38 -6.16 -12.05
N ALA A 120 29.89 -7.40 -11.98
CA ALA A 120 30.67 -8.58 -12.30
C ALA A 120 31.11 -8.52 -13.75
N TYR A 121 30.12 -8.64 -14.63
CA TYR A 121 30.27 -8.47 -16.09
C TYR A 121 31.20 -7.33 -16.50
N ARG A 122 31.11 -6.22 -15.80
CA ARG A 122 31.92 -5.06 -16.14
C ARG A 122 33.41 -5.24 -15.91
N LEU A 123 33.79 -5.80 -14.76
CA LEU A 123 35.21 -6.14 -14.48
C LEU A 123 35.74 -7.22 -15.42
N GLU A 124 34.90 -8.23 -15.67
CA GLU A 124 35.19 -9.30 -16.62
C GLU A 124 35.53 -8.72 -17.99
N VAL A 125 34.57 -8.05 -18.61
CA VAL A 125 34.78 -7.43 -19.93
C VAL A 125 36.03 -6.58 -19.93
N MET A 126 36.18 -5.73 -18.91
CA MET A 126 37.36 -4.88 -18.81
C MET A 126 38.67 -5.67 -18.71
N GLU A 127 38.64 -6.81 -18.02
CA GLU A 127 39.83 -7.65 -17.85
C GLU A 127 40.28 -8.21 -19.20
N LYS A 128 39.35 -8.86 -19.91
CA LYS A 128 39.60 -9.34 -21.27
C LYS A 128 40.06 -8.21 -22.19
N LEU A 129 39.45 -7.04 -22.06
CA LEU A 129 39.86 -5.89 -22.85
C LEU A 129 41.30 -5.56 -22.59
N GLU A 130 41.74 -5.70 -21.34
CA GLU A 130 43.13 -5.37 -20.96
C GLU A 130 44.12 -6.46 -21.32
N ALA A 131 43.68 -7.72 -21.20
CA ALA A 131 44.51 -8.84 -21.57
C ALA A 131 44.84 -8.78 -23.07
N ILE A 132 43.78 -8.75 -23.90
CA ILE A 132 43.93 -8.66 -25.35
C ILE A 132 44.79 -7.47 -25.77
N GLU A 133 44.74 -6.39 -25.00
CA GLU A 133 45.57 -5.22 -25.29
C GLU A 133 47.04 -5.46 -24.92
N LYS A 134 47.28 -6.27 -23.89
CA LYS A 134 48.63 -6.57 -23.44
C LYS A 134 49.34 -7.61 -24.31
N LYS A 135 48.61 -8.69 -24.63
CA LYS A 135 49.16 -9.73 -25.51
C LYS A 135 49.37 -9.24 -26.94
N LEU A 136 48.44 -8.42 -27.43
CA LEU A 136 48.60 -7.78 -28.74
C LEU A 136 49.82 -6.89 -28.71
N ALA A 137 49.98 -6.10 -27.65
CA ALA A 137 51.15 -5.23 -27.49
C ALA A 137 52.47 -5.99 -27.61
N GLU A 138 52.57 -7.13 -26.92
CA GLU A 138 53.82 -7.92 -26.91
C GLU A 138 54.11 -8.61 -28.26
N HIS A 139 53.06 -9.11 -28.89
CA HIS A 139 53.18 -9.74 -30.20
C HIS A 139 53.43 -8.72 -31.33
N SER A 140 52.98 -7.49 -31.13
CA SER A 140 53.20 -6.43 -32.12
C SER A 140 54.55 -5.75 -31.95
N ARG A 141 55.51 -6.46 -31.36
CA ARG A 141 56.89 -6.00 -31.23
C ARG A 141 57.85 -7.12 -31.63
N GLN A 142 57.50 -8.34 -31.22
CA GLN A 142 58.30 -9.54 -31.49
C GLN A 142 58.08 -10.04 -32.92
N MET B 4 -14.43 13.72 -29.37
CA MET B 4 -15.59 13.02 -28.73
C MET B 4 -15.54 11.52 -28.99
N LEU B 5 -15.01 11.14 -30.16
CA LEU B 5 -14.66 9.76 -30.40
C LEU B 5 -13.53 9.43 -29.45
N SER B 6 -12.71 10.46 -29.18
CA SER B 6 -11.62 10.43 -28.21
C SER B 6 -12.18 9.93 -26.87
N PHE B 7 -13.15 10.68 -26.36
CA PHE B 7 -13.81 10.38 -25.09
C PHE B 7 -14.21 8.92 -25.02
N ILE B 8 -14.99 8.48 -26.01
CA ILE B 8 -15.54 7.13 -26.00
C ILE B 8 -14.43 6.08 -26.05
N LEU B 9 -13.41 6.33 -26.88
CA LEU B 9 -12.35 5.36 -27.09
C LEU B 9 -11.48 5.18 -25.86
N THR B 10 -11.27 6.28 -25.13
CA THR B 10 -10.50 6.27 -23.90
C THR B 10 -11.22 5.48 -22.80
N LEU B 11 -12.41 5.94 -22.44
CA LEU B 11 -13.32 5.26 -21.51
C LEU B 11 -13.35 3.75 -21.74
N LYS B 12 -13.29 3.34 -23.00
CA LYS B 12 -13.28 1.93 -23.38
C LYS B 12 -12.01 1.24 -22.89
N ARG B 13 -10.87 1.93 -22.97
CA ARG B 13 -9.61 1.39 -22.49
C ARG B 13 -9.60 1.29 -20.96
N MET B 14 -9.97 2.39 -20.32
CA MET B 14 -10.02 2.48 -18.87
C MET B 14 -10.86 1.36 -18.30
N LEU B 15 -12.04 1.16 -18.89
CA LEU B 15 -12.97 0.14 -18.44
C LEU B 15 -12.43 -1.28 -18.59
N LYS B 16 -11.52 -1.47 -19.54
CA LYS B 16 -10.85 -2.76 -19.72
C LYS B 16 -9.80 -2.94 -18.61
N ALA B 17 -9.18 -1.83 -18.21
CA ALA B 17 -8.16 -1.79 -17.17
C ALA B 17 -8.71 -2.23 -15.81
N CYS B 18 -9.96 -1.82 -15.52
CA CYS B 18 -10.65 -2.26 -14.31
C CYS B 18 -10.82 -3.76 -14.32
N LEU B 19 -11.24 -4.28 -15.48
CA LEU B 19 -11.48 -5.70 -15.67
C LEU B 19 -10.18 -6.50 -15.61
N ARG B 20 -9.09 -5.88 -16.06
CA ARG B 20 -7.75 -6.45 -15.95
C ARG B 20 -7.35 -6.57 -14.47
N ALA B 21 -7.67 -5.54 -13.70
CA ALA B 21 -7.49 -5.58 -12.26
C ALA B 21 -8.48 -6.54 -11.63
N TRP B 22 -9.72 -6.51 -12.09
CA TRP B 22 -10.79 -7.32 -11.51
C TRP B 22 -10.59 -8.82 -11.70
N LYS B 23 -9.43 -9.19 -12.23
CA LYS B 23 -9.02 -10.59 -12.32
C LYS B 23 -7.71 -10.83 -11.57
N ASP B 24 -7.18 -9.77 -10.98
CA ASP B 24 -6.11 -9.88 -9.99
C ASP B 24 -6.75 -10.47 -8.74
N LYS B 25 -6.17 -11.56 -8.26
CA LYS B 25 -6.71 -12.28 -7.11
C LYS B 25 -6.86 -11.35 -5.91
N GLU B 26 -5.80 -10.62 -5.60
CA GLU B 26 -5.75 -9.75 -4.43
C GLU B 26 -6.85 -8.70 -4.40
N PHE B 27 -7.03 -8.00 -5.52
CA PHE B 27 -8.11 -7.02 -5.66
C PHE B 27 -9.46 -7.61 -5.28
N GLN B 28 -9.73 -8.83 -5.74
CA GLN B 28 -11.01 -9.47 -5.50
C GLN B 28 -11.19 -9.86 -4.04
N VAL B 29 -10.10 -10.30 -3.39
CA VAL B 29 -10.11 -10.56 -1.94
C VAL B 29 -10.57 -9.31 -1.22
N LEU B 30 -10.04 -8.16 -1.62
CA LEU B 30 -10.43 -6.89 -1.03
C LEU B 30 -11.92 -6.61 -1.24
N PHE B 31 -12.41 -6.83 -2.47
CA PHE B 31 -13.83 -6.64 -2.76
C PHE B 31 -14.70 -7.60 -1.95
N VAL B 32 -14.27 -8.85 -1.89
CA VAL B 32 -14.93 -9.87 -1.06
C VAL B 32 -14.95 -9.46 0.41
N LEU B 33 -13.79 -9.00 0.90
CA LEU B 33 -13.70 -8.55 2.28
C LEU B 33 -14.59 -7.36 2.53
N THR B 34 -14.56 -6.38 1.63
CA THR B 34 -15.45 -5.21 1.73
C THR B 34 -16.89 -5.65 1.91
N PHE B 35 -17.34 -6.54 1.02
CA PHE B 35 -18.73 -7.02 1.03
C PHE B 35 -19.09 -7.86 2.26
N LEU B 36 -18.19 -8.74 2.68
CA LEU B 36 -18.37 -9.51 3.91
C LEU B 36 -18.48 -8.58 5.11
N THR B 37 -17.63 -7.57 5.15
CA THR B 37 -17.65 -6.55 6.20
C THR B 37 -18.92 -5.71 6.09
N LEU B 38 -19.40 -5.53 4.87
CA LEU B 38 -20.55 -4.69 4.61
C LEU B 38 -21.83 -5.35 5.13
N THR B 39 -22.05 -6.62 4.78
CA THR B 39 -23.20 -7.36 5.29
C THR B 39 -22.99 -7.75 6.75
N SER B 40 -21.73 -7.87 7.15
CA SER B 40 -21.36 -8.11 8.54
C SER B 40 -21.93 -7.02 9.43
N GLY B 41 -21.70 -5.77 9.05
CA GLY B 41 -22.26 -4.63 9.77
C GLY B 41 -23.78 -4.57 9.70
N THR B 42 -24.32 -4.91 8.52
CA THR B 42 -25.77 -4.96 8.31
C THR B 42 -26.40 -5.93 9.30
N ILE B 43 -25.81 -7.12 9.42
CA ILE B 43 -26.22 -8.10 10.42
C ILE B 43 -26.21 -7.47 11.83
N PHE B 44 -25.13 -6.75 12.15
CA PHE B 44 -24.98 -6.14 13.47
C PHE B 44 -26.00 -5.04 13.77
N TYR B 45 -25.93 -3.92 13.05
CA TYR B 45 -26.81 -2.77 13.30
C TYR B 45 -28.30 -3.10 13.13
N SER B 46 -28.58 -4.10 12.30
CA SER B 46 -29.92 -4.64 12.19
C SER B 46 -30.29 -5.31 13.51
N THR B 47 -29.66 -6.45 13.78
CA THR B 47 -30.01 -7.29 14.93
C THR B 47 -29.17 -7.04 16.19
N VAL B 48 -28.85 -5.76 16.45
CA VAL B 48 -28.29 -5.33 17.74
C VAL B 48 -28.83 -3.94 18.07
N GLU B 49 -28.47 -2.97 17.25
CA GLU B 49 -28.91 -1.60 17.46
C GLU B 49 -30.35 -1.36 17.01
N GLY B 50 -31.01 -2.44 16.57
CA GLY B 50 -32.43 -2.42 16.21
C GLY B 50 -32.73 -1.44 15.10
N LEU B 51 -32.51 -1.87 13.86
CA LEU B 51 -32.66 -0.99 12.71
C LEU B 51 -33.04 -1.78 11.48
N ARG B 52 -33.86 -1.18 10.62
CA ARG B 52 -34.36 -1.83 9.40
C ARG B 52 -33.23 -2.43 8.55
N PRO B 53 -33.43 -3.68 8.05
CA PRO B 53 -32.44 -4.31 7.14
C PRO B 53 -32.25 -3.57 5.79
N LEU B 54 -32.42 -2.25 5.81
CA LEU B 54 -31.96 -1.37 4.73
C LEU B 54 -31.41 -0.09 5.34
N ASP B 55 -31.99 0.31 6.48
CA ASP B 55 -31.43 1.39 7.29
C ASP B 55 -30.08 0.98 7.85
N ALA B 56 -29.86 -0.34 7.92
CA ALA B 56 -28.57 -0.91 8.34
C ALA B 56 -27.53 -0.71 7.24
N LEU B 57 -27.76 -1.35 6.10
CA LEU B 57 -26.87 -1.22 4.94
C LEU B 57 -26.52 0.24 4.65
N TYR B 58 -27.46 1.15 4.90
CA TYR B 58 -27.21 2.58 4.67
C TYR B 58 -26.21 3.16 5.68
N PHE B 59 -26.36 2.83 6.97
CA PHE B 59 -25.41 3.29 7.99
C PHE B 59 -24.04 2.61 7.82
N SER B 60 -24.05 1.31 7.50
CA SER B 60 -22.83 0.53 7.30
C SER B 60 -21.95 1.11 6.18
N VAL B 61 -22.59 1.45 5.05
CA VAL B 61 -21.92 2.04 3.90
C VAL B 61 -21.52 3.49 4.17
N VAL B 62 -22.41 4.26 4.79
CA VAL B 62 -22.16 5.68 5.00
C VAL B 62 -20.99 5.89 5.96
N THR B 63 -20.68 4.83 6.70
CA THR B 63 -19.67 4.85 7.76
C THR B 63 -18.32 4.32 7.29
N LEU B 64 -18.31 3.21 6.56
CA LEU B 64 -17.06 2.69 6.00
C LEU B 64 -16.41 3.66 5.02
N THR B 65 -17.25 4.39 4.31
CA THR B 65 -16.79 5.32 3.30
C THR B 65 -16.55 6.71 3.88
N THR B 66 -16.90 6.86 5.16
CA THR B 66 -16.60 8.06 5.99
C THR B 66 -17.48 9.30 5.70
N VAL B 67 -18.51 9.11 4.89
CA VAL B 67 -19.49 10.16 4.67
C VAL B 67 -20.06 10.50 6.05
N GLY B 68 -20.95 9.62 6.52
CA GLY B 68 -21.54 9.70 7.86
C GLY B 68 -22.97 10.19 7.84
N ASP B 69 -23.86 9.49 8.55
CA ASP B 69 -25.26 9.91 8.65
C ASP B 69 -25.37 11.10 9.59
N GLY B 70 -26.27 12.03 9.26
CA GLY B 70 -26.44 13.26 10.05
C GLY B 70 -27.42 13.15 11.20
N ASN B 71 -27.96 11.94 11.38
CA ASN B 71 -29.02 11.68 12.35
C ASN B 71 -28.69 10.53 13.29
N PHE B 72 -28.70 9.30 12.77
CA PHE B 72 -28.38 8.16 13.61
C PHE B 72 -26.90 8.06 13.91
N SER B 73 -26.61 7.68 15.15
CA SER B 73 -25.31 7.16 15.52
C SER B 73 -25.61 6.03 16.49
N PRO B 74 -24.62 5.17 16.76
CA PRO B 74 -24.76 4.11 17.76
C PRO B 74 -25.29 4.64 19.09
N GLN B 75 -26.41 4.07 19.55
CA GLN B 75 -26.95 4.38 20.87
C GLN B 75 -26.23 3.58 21.95
N THR B 76 -26.42 2.26 21.93
CA THR B 76 -25.80 1.34 22.89
C THR B 76 -24.29 1.47 22.92
N ASP B 77 -23.71 1.46 24.13
CA ASP B 77 -22.25 1.49 24.31
C ASP B 77 -21.52 0.31 23.66
N PHE B 78 -22.24 -0.79 23.49
CA PHE B 78 -21.73 -1.95 22.75
C PHE B 78 -21.62 -1.63 21.26
N GLY B 79 -22.63 -0.93 20.74
CA GLY B 79 -22.67 -0.50 19.34
C GLY B 79 -21.69 0.60 18.98
N LYS B 80 -21.11 1.25 19.99
CA LYS B 80 -20.04 2.22 19.78
C LYS B 80 -18.70 1.51 19.68
N VAL B 81 -18.55 0.44 20.46
CA VAL B 81 -17.33 -0.34 20.47
C VAL B 81 -17.09 -0.94 19.07
N PHE B 82 -18.12 -1.61 18.56
CA PHE B 82 -18.10 -2.20 17.23
C PHE B 82 -17.76 -1.15 16.17
N THR B 83 -18.59 -0.10 16.10
CA THR B 83 -18.41 1.00 15.15
C THR B 83 -16.97 1.50 15.11
N ILE B 84 -16.38 1.73 16.29
CA ILE B 84 -14.97 2.12 16.39
C ILE B 84 -14.08 1.14 15.63
N LEU B 85 -14.21 -0.15 15.94
CA LEU B 85 -13.32 -1.19 15.38
C LEU B 85 -13.65 -1.51 13.93
N TYR B 86 -14.94 -1.48 13.61
CA TYR B 86 -15.43 -1.49 12.23
C TYR B 86 -14.73 -0.40 11.40
N ILE B 87 -14.92 0.86 11.79
CA ILE B 87 -14.23 1.97 11.15
C ILE B 87 -12.79 1.59 10.83
N PHE B 88 -12.14 0.90 11.77
CA PHE B 88 -10.75 0.50 11.61
C PHE B 88 -10.53 -0.52 10.50
N ILE B 89 -11.46 -1.46 10.33
CA ILE B 89 -11.41 -2.38 9.19
C ILE B 89 -11.59 -1.60 7.89
N GLY B 90 -12.41 -0.55 7.95
CA GLY B 90 -12.54 0.39 6.86
C GLY B 90 -11.18 0.90 6.42
N ILE B 91 -10.50 1.60 7.34
CA ILE B 91 -9.17 2.13 7.07
C ILE B 91 -8.22 1.04 6.58
N GLY B 92 -8.28 -0.12 7.23
CA GLY B 92 -7.45 -1.26 6.87
C GLY B 92 -7.61 -1.52 5.40
N LEU B 93 -8.87 -1.58 4.96
CA LEU B 93 -9.24 -1.83 3.57
C LEU B 93 -8.78 -0.72 2.63
N VAL B 94 -9.14 0.51 2.95
CA VAL B 94 -8.79 1.63 2.08
C VAL B 94 -7.27 1.80 1.99
N PHE B 95 -6.55 1.24 2.97
CA PHE B 95 -5.10 1.22 2.88
C PHE B 95 -4.69 0.20 1.84
N GLY B 96 -5.24 -1.01 1.95
CA GLY B 96 -5.05 -2.07 0.97
C GLY B 96 -5.15 -1.61 -0.47
N PHE B 97 -6.27 -0.95 -0.79
CA PHE B 97 -6.52 -0.46 -2.15
C PHE B 97 -5.49 0.57 -2.63
N ILE B 98 -5.25 1.59 -1.82
CA ILE B 98 -4.24 2.61 -2.14
C ILE B 98 -2.87 1.98 -2.41
N HIS B 99 -2.51 0.98 -1.60
CA HIS B 99 -1.29 0.25 -1.87
C HIS B 99 -1.35 -0.39 -3.26
N LYS B 100 -2.45 -1.10 -3.52
CA LYS B 100 -2.62 -1.83 -4.79
C LYS B 100 -2.84 -0.92 -6.00
N LEU B 101 -3.43 0.24 -5.77
CA LEU B 101 -3.67 1.20 -6.85
C LEU B 101 -2.41 1.97 -7.20
N ALA B 102 -1.31 1.67 -6.51
CA ALA B 102 -0.05 2.40 -6.70
C ALA B 102 1.11 1.52 -7.18
N VAL B 103 0.79 0.38 -7.80
CA VAL B 103 1.83 -0.45 -8.42
C VAL B 103 1.96 -0.19 -9.94
N LEU B 107 5.71 -2.04 -16.25
CA LEU B 107 7.00 -1.69 -15.64
C LEU B 107 7.75 -2.89 -15.07
N PRO B 108 7.04 -3.77 -14.34
CA PRO B 108 7.71 -5.02 -13.93
C PRO B 108 8.04 -5.87 -15.13
N SER B 109 7.21 -5.75 -16.18
CA SER B 109 7.39 -6.48 -17.43
C SER B 109 8.36 -5.77 -18.37
N ILE B 110 8.38 -4.44 -18.32
CA ILE B 110 9.34 -3.66 -19.12
C ILE B 110 10.77 -3.99 -18.69
N LEU B 111 10.98 -4.11 -17.38
CA LEU B 111 12.26 -4.56 -16.82
C LEU B 111 12.65 -6.00 -17.15
N SER B 112 11.66 -6.84 -17.45
CA SER B 112 11.93 -8.23 -17.86
C SER B 112 12.53 -8.29 -19.25
N ASN B 113 12.00 -7.49 -20.17
CA ASN B 113 12.52 -7.39 -21.53
C ASN B 113 13.94 -6.81 -21.57
N ARG B 114 14.14 -5.71 -20.85
CA ARG B 114 15.47 -5.14 -20.67
C ARG B 114 16.46 -6.25 -20.26
N LYS B 115 16.07 -7.07 -19.27
CA LYS B 115 16.89 -8.20 -18.86
C LYS B 115 17.08 -9.25 -19.98
N LYS B 116 15.99 -9.57 -20.69
CA LYS B 116 16.02 -10.58 -21.77
C LYS B 116 16.92 -10.17 -22.93
N GLU B 117 17.07 -8.87 -23.14
CA GLU B 117 17.94 -8.33 -24.18
C GLU B 117 19.37 -8.08 -23.70
N THR B 118 19.52 -7.53 -22.50
CA THR B 118 20.83 -7.23 -21.92
C THR B 118 21.67 -8.49 -21.74
N ASP B 119 21.01 -9.61 -21.44
CA ASP B 119 21.71 -10.87 -21.25
C ASP B 119 22.24 -11.37 -22.59
N ALA B 120 21.33 -11.55 -23.55
CA ALA B 120 21.69 -11.93 -24.93
C ALA B 120 22.83 -11.06 -25.50
N TYR B 121 22.74 -9.75 -25.28
CA TYR B 121 23.83 -8.86 -25.61
C TYR B 121 25.10 -9.26 -24.87
N ARG B 122 25.05 -9.13 -23.54
CA ARG B 122 26.22 -9.33 -22.68
C ARG B 122 26.85 -10.69 -22.86
N LEU B 123 26.03 -11.68 -23.20
CA LEU B 123 26.52 -13.01 -23.52
C LEU B 123 27.44 -12.90 -24.75
N GLU B 124 26.90 -12.40 -25.87
CA GLU B 124 27.69 -12.22 -27.10
C GLU B 124 28.96 -11.40 -26.85
N VAL B 125 28.83 -10.21 -26.27
CA VAL B 125 30.00 -9.42 -25.90
C VAL B 125 31.09 -10.29 -25.28
N MET B 126 30.69 -11.14 -24.32
CA MET B 126 31.59 -12.08 -23.64
C MET B 126 32.21 -13.06 -24.63
N GLU B 127 31.35 -13.84 -25.29
CA GLU B 127 31.76 -14.85 -26.26
C GLU B 127 32.61 -14.28 -27.40
N LYS B 128 32.31 -13.06 -27.84
CA LYS B 128 33.14 -12.40 -28.84
C LYS B 128 34.51 -12.21 -28.22
N LEU B 129 34.56 -11.43 -27.15
CA LEU B 129 35.81 -11.17 -26.45
C LEU B 129 36.58 -12.46 -26.17
N GLU B 130 35.87 -13.53 -25.86
CA GLU B 130 36.50 -14.81 -25.53
C GLU B 130 37.30 -15.37 -26.70
N ALA B 131 36.63 -15.45 -27.86
CA ALA B 131 37.26 -15.94 -29.10
C ALA B 131 38.46 -15.10 -29.53
N ILE B 132 38.28 -13.79 -29.49
CA ILE B 132 39.37 -12.88 -29.79
C ILE B 132 40.61 -13.23 -28.98
N GLU B 133 40.45 -13.38 -27.66
CA GLU B 133 41.56 -13.73 -26.76
C GLU B 133 42.14 -15.11 -27.08
N LYS B 134 41.26 -16.06 -27.35
CA LYS B 134 41.67 -17.42 -27.68
C LYS B 134 42.43 -17.49 -29.02
N LYS B 135 42.11 -16.58 -29.93
CA LYS B 135 42.74 -16.56 -31.25
C LYS B 135 44.06 -15.82 -31.22
N LEU B 136 44.08 -14.70 -30.51
CA LEU B 136 45.31 -13.94 -30.31
C LEU B 136 46.33 -14.77 -29.54
N ALA B 137 45.83 -15.76 -28.79
CA ALA B 137 46.69 -16.68 -28.07
C ALA B 137 47.38 -17.65 -29.04
N GLU B 138 46.58 -18.43 -29.77
CA GLU B 138 47.13 -19.43 -30.71
C GLU B 138 47.98 -18.83 -31.83
N HIS B 139 47.73 -17.57 -32.18
CA HIS B 139 48.50 -16.88 -33.20
C HIS B 139 49.87 -16.47 -32.68
N SER B 140 49.90 -15.85 -31.50
CA SER B 140 51.16 -15.36 -30.94
C SER B 140 52.00 -16.49 -30.31
N ARG B 141 51.88 -17.69 -30.88
CA ARG B 141 52.71 -18.83 -30.48
C ARG B 141 53.40 -19.43 -31.71
N GLN B 142 52.59 -20.00 -32.60
CA GLN B 142 53.09 -20.65 -33.82
C GLN B 142 53.67 -19.63 -34.80
#